data_3OPC
#
_entry.id   3OPC
#
_cell.length_a   66.57
_cell.length_b   90.39
_cell.length_c   49.19
_cell.angle_alpha   90.00
_cell.angle_beta   90.00
_cell.angle_gamma   90.00
#
_symmetry.space_group_name_H-M   'P 21 21 2'
#
loop_
_entity.id
_entity.type
_entity.pdbx_description
1 polymer 'Uncharacterized protein'
2 non-polymer GLYCEROL
3 water water
#
_entity_poly.entity_id   1
_entity_poly.type   'polypeptide(L)'
_entity_poly.pdbx_seq_one_letter_code
;SNA(MSE)NSAALKSCLERENALVVEFLHALEAETEAL(MSE)DRRAHESLQAAVQRKETLADDLAQLGAERDALLSGAG
LASGPAGTDAAAAAHPELGPLWQALQANAAQAREHNQRNGTLIAVNLRHTQESLDALRQAAGTGAAATYDAQGRGKRGYS
SA
;
_entity_poly.pdbx_strand_id   A,B
#
# COMPACT_ATOMS: atom_id res chain seq x y z
N ASN A 5 -5.01 12.56 -47.12
N ASN A 5 -6.92 11.16 -48.69
CA ASN A 5 -5.37 11.43 -47.97
CA ASN A 5 -5.52 10.77 -48.75
C ASN A 5 -5.43 10.11 -47.19
C ASN A 5 -5.32 9.61 -47.78
N SER A 6 -5.24 8.99 -47.90
N SER A 6 -5.26 8.40 -48.32
CA SER A 6 -5.30 7.68 -47.27
CA SER A 6 -5.16 7.21 -47.49
C SER A 6 -4.04 7.37 -46.44
C SER A 6 -4.02 7.28 -46.49
N ALA A 7 -2.89 7.86 -46.89
CA ALA A 7 -1.63 7.74 -46.11
C ALA A 7 -1.70 8.60 -44.85
N ALA A 8 -2.34 9.76 -44.98
CA ALA A 8 -2.56 10.63 -43.83
C ALA A 8 -3.47 9.91 -42.83
N LEU A 9 -4.47 9.21 -43.32
CA LEU A 9 -5.41 8.57 -42.42
C LEU A 9 -4.69 7.40 -41.75
N LYS A 10 -3.84 6.70 -42.49
CA LYS A 10 -3.03 5.64 -41.91
C LYS A 10 -2.09 6.15 -40.81
N SER A 11 -1.45 7.29 -41.05
CA SER A 11 -0.59 7.91 -40.05
C SER A 11 -1.39 8.19 -38.78
N CYS A 12 -2.59 8.74 -38.95
CA CYS A 12 -3.42 9.08 -37.82
C CYS A 12 -3.81 7.84 -37.01
N LEU A 13 -4.29 6.82 -37.71
CA LEU A 13 -4.60 5.55 -37.03
C LEU A 13 -3.40 4.99 -36.29
N GLU A 14 -2.23 4.94 -36.94
CA GLU A 14 -1.00 4.43 -36.30
C GLU A 14 -0.73 5.11 -34.99
N ARG A 15 -0.85 6.42 -35.00
CA ARG A 15 -0.54 7.22 -33.81
C ARG A 15 -1.59 7.07 -32.74
N GLU A 16 -2.84 7.02 -33.15
CA GLU A 16 -3.90 6.72 -32.22
C GLU A 16 -3.67 5.36 -31.57
N ASN A 17 -3.35 4.38 -32.39
CA ASN A 17 -3.09 3.04 -31.84
C ASN A 17 -1.88 3.08 -30.91
N ALA A 18 -0.82 3.78 -31.29
CA ALA A 18 0.33 3.96 -30.43
C ALA A 18 -0.06 4.51 -29.06
N LEU A 19 -0.92 5.53 -29.01
CA LEU A 19 -1.36 6.06 -27.70
C LEU A 19 -2.23 5.04 -26.91
N VAL A 20 -3.12 4.35 -27.58
CA VAL A 20 -3.91 3.36 -26.88
C VAL A 20 -3.00 2.31 -26.29
N VAL A 21 -1.98 1.86 -27.04
CA VAL A 21 -1.07 0.83 -26.53
C VAL A 21 -0.30 1.36 -25.32
N GLU A 22 0.10 2.63 -25.37
CA GLU A 22 0.82 3.22 -24.28
C GLU A 22 -0.12 3.32 -23.06
N PHE A 23 -1.38 3.64 -23.33
CA PHE A 23 -2.40 3.72 -22.30
C PHE A 23 -2.62 2.34 -21.70
N LEU A 24 -2.72 1.30 -22.52
CA LEU A 24 -2.74 -0.05 -21.97
C LEU A 24 -1.57 -0.33 -21.03
N HIS A 25 -0.35 0.11 -21.35
CA HIS A 25 0.78 -0.12 -20.45
C HIS A 25 0.67 0.73 -19.18
N ALA A 26 0.17 1.96 -19.31
CA ALA A 26 -0.15 2.76 -18.13
C ALA A 26 -1.20 2.06 -17.26
N LEU A 27 -2.23 1.48 -17.88
CA LEU A 27 -3.27 0.71 -17.13
C LEU A 27 -2.67 -0.45 -16.34
N GLU A 28 -1.74 -1.18 -17.00
CA GLU A 28 -0.98 -2.32 -16.42
C GLU A 28 -0.20 -1.86 -15.19
N ALA A 29 0.42 -0.69 -15.32
CA ALA A 29 1.10 -0.08 -14.18
C ALA A 29 0.13 0.29 -13.04
N GLU A 30 -0.98 0.96 -13.34
CA GLU A 30 -2.03 1.21 -12.36
C GLU A 30 -2.46 -0.09 -11.66
N THR A 31 -2.79 -1.14 -12.43
CA THR A 31 -3.22 -2.42 -11.82
C THR A 31 -2.12 -2.95 -10.88
N GLU A 32 -0.87 -2.88 -11.31
CA GLU A 32 0.25 -3.35 -10.51
C GLU A 32 0.27 -2.59 -9.17
N ALA A 33 0.17 -1.27 -9.21
CA ALA A 33 0.14 -0.47 -7.97
C ALA A 33 -1.05 -0.83 -7.07
N LEU A 34 -2.21 -1.05 -7.66
CA LEU A 34 -3.43 -1.37 -6.90
C LEU A 34 -3.33 -2.71 -6.23
N ASP A 36 -0.38 -4.15 -5.35
CA ASP A 36 0.90 -4.19 -4.62
C ASP A 36 0.62 -4.29 -3.13
N ARG A 37 0.89 -5.46 -2.54
CA ARG A 37 0.59 -5.67 -1.10
C ARG A 37 1.85 -5.77 -0.24
N ARG A 38 2.98 -5.35 -0.75
CA ARG A 38 4.26 -5.44 -0.02
C ARG A 38 4.19 -4.75 1.34
N ALA A 39 3.66 -3.54 1.36
CA ALA A 39 3.56 -2.76 2.59
C ALA A 39 2.61 -3.45 3.57
N HIS A 40 1.55 -4.04 3.01
CA HIS A 40 0.58 -4.73 3.83
C HIS A 40 1.17 -5.99 4.44
N GLU A 41 1.92 -6.75 3.65
CA GLU A 41 2.56 -7.97 4.17
C GLU A 41 3.63 -7.64 5.19
N SER A 42 4.46 -6.64 4.92
CA SER A 42 5.42 -6.19 5.91
C SER A 42 4.75 -5.84 7.23
N LEU A 43 3.65 -5.10 7.17
CA LEU A 43 2.95 -4.69 8.37
C LEU A 43 2.43 -5.92 9.10
N GLN A 44 1.76 -6.80 8.37
CA GLN A 44 1.25 -8.03 8.98
C GLN A 44 2.37 -8.80 9.64
N ALA A 45 3.51 -8.93 8.99
CA ALA A 45 4.59 -9.72 9.55
C ALA A 45 5.10 -9.08 10.85
N ALA A 46 5.24 -7.76 10.85
CA ALA A 46 5.73 -7.07 12.05
C ALA A 46 4.71 -7.15 13.18
N VAL A 47 3.42 -6.95 12.88
CA VAL A 47 2.36 -7.10 13.87
C VAL A 47 2.38 -8.49 14.49
N GLN A 48 2.54 -9.52 13.66
CA GLN A 48 2.59 -10.91 14.17
C GLN A 48 3.78 -11.13 15.08
N ARG A 49 4.96 -10.61 14.73
CA ARG A 49 6.09 -10.71 15.62
C ARG A 49 5.72 -10.08 16.94
N LYS A 50 5.14 -8.89 16.86
CA LYS A 50 4.80 -8.11 18.03
C LYS A 50 3.89 -8.87 18.98
N GLU A 51 2.83 -9.47 18.43
CA GLU A 51 1.94 -10.33 19.21
C GLU A 51 2.66 -11.49 19.93
N THR A 52 3.57 -12.18 19.21
CA THR A 52 4.32 -13.32 19.76
C THR A 52 5.21 -12.85 20.89
N LEU A 53 6.00 -11.82 20.62
CA LEU A 53 6.80 -11.21 21.65
C LEU A 53 5.99 -10.67 22.87
N ALA A 54 4.80 -10.12 22.63
CA ALA A 54 3.95 -9.57 23.70
C ALA A 54 3.48 -10.70 24.61
N ASP A 55 3.11 -11.82 24.00
CA ASP A 55 2.76 -13.03 24.75
C ASP A 55 3.97 -13.55 25.51
N ASP A 56 5.11 -13.72 24.85
CA ASP A 56 6.32 -14.14 25.55
C ASP A 56 6.69 -13.20 26.73
N LEU A 57 6.55 -11.89 26.57
CA LEU A 57 6.84 -10.99 27.68
C LEU A 57 5.84 -11.14 28.86
N ALA A 58 4.58 -11.37 28.56
CA ALA A 58 3.62 -11.53 29.64
C ALA A 58 4.02 -12.78 30.44
N GLN A 59 4.55 -13.79 29.76
CA GLN A 59 4.93 -15.04 30.41
C GLN A 59 6.12 -14.80 31.32
N LEU A 60 7.10 -14.03 30.81
CA LEU A 60 8.27 -13.66 31.59
C LEU A 60 7.91 -12.70 32.71
N GLY A 61 6.96 -11.82 32.50
CA GLY A 61 6.43 -10.97 33.57
C GLY A 61 5.91 -11.86 34.71
N ALA A 62 5.13 -12.88 34.39
CA ALA A 62 4.61 -13.83 35.40
C ALA A 62 5.76 -14.60 36.12
N GLU A 63 6.80 -14.94 35.35
CA GLU A 63 7.97 -15.57 35.93
C GLU A 63 8.64 -14.63 36.95
N ARG A 64 8.92 -13.38 36.56
CA ARG A 64 9.45 -12.43 37.52
C ARG A 64 8.57 -12.29 38.76
N ASP A 65 7.27 -12.13 38.59
CA ASP A 65 6.37 -12.03 39.74
C ASP A 65 6.38 -13.28 40.62
N ALA A 66 6.54 -14.45 40.02
CA ALA A 66 6.55 -15.69 40.80
C ALA A 66 7.80 -15.73 41.68
N LEU A 67 8.95 -15.36 41.11
CA LEU A 67 10.22 -15.25 41.87
C LEU A 67 10.11 -14.23 42.96
N LEU A 68 9.52 -13.06 42.62
CA LEU A 68 9.33 -12.00 43.59
C LEU A 68 8.44 -12.45 44.76
N SER A 69 7.29 -13.03 44.42
CA SER A 69 6.38 -13.56 45.44
C SER A 69 7.02 -14.68 46.27
N GLY A 70 7.70 -15.60 45.60
CA GLY A 70 8.52 -16.60 46.28
C GLY A 70 9.49 -16.06 47.33
N ALA A 71 10.06 -14.87 47.10
CA ALA A 71 10.97 -14.24 48.05
C ALA A 71 10.27 -13.32 49.08
N GLY A 72 8.95 -13.40 49.17
CA GLY A 72 8.18 -12.57 50.08
C GLY A 72 8.07 -11.09 49.71
N LEU A 73 8.28 -10.78 48.44
CA LEU A 73 8.36 -9.39 47.98
C LEU A 73 7.10 -9.07 47.20
N ALA A 74 6.84 -7.78 47.00
CA ALA A 74 5.72 -7.34 46.18
C ALA A 74 5.95 -7.77 44.73
N SER A 75 4.89 -7.83 43.94
CA SER A 75 5.05 -8.18 42.52
C SER A 75 5.28 -6.91 41.70
N GLY A 76 5.53 -7.07 40.40
CA GLY A 76 5.65 -5.91 39.51
C GLY A 76 6.82 -5.00 39.81
N PRO A 77 6.76 -3.76 39.32
CA PRO A 77 7.88 -2.81 39.47
C PRO A 77 8.32 -2.59 40.92
N ALA A 78 7.36 -2.47 41.83
CA ALA A 78 7.65 -2.14 43.23
C ALA A 78 8.48 -3.24 43.86
N GLY A 79 8.05 -4.48 43.66
CA GLY A 79 8.83 -5.61 44.12
C GLY A 79 10.22 -5.69 43.52
N THR A 80 10.31 -5.41 42.22
CA THR A 80 11.55 -5.49 41.50
C THR A 80 12.48 -4.36 41.95
N ASP A 81 11.92 -3.18 42.22
CA ASP A 81 12.70 -2.08 42.82
C ASP A 81 13.32 -2.58 44.12
N ALA A 82 12.53 -3.29 44.94
CA ALA A 82 13.02 -3.76 46.25
C ALA A 82 14.07 -4.86 46.06
N ALA A 83 13.91 -5.70 45.03
CA ALA A 83 14.92 -6.70 44.72
C ALA A 83 16.22 -6.02 44.27
N ALA A 84 16.12 -4.94 43.51
CA ALA A 84 17.32 -4.26 43.03
C ALA A 84 18.05 -3.55 44.15
N ALA A 85 17.31 -3.05 45.15
CA ALA A 85 17.93 -2.48 46.34
C ALA A 85 18.68 -3.55 47.14
N ALA A 86 18.05 -4.70 47.36
CA ALA A 86 18.70 -5.81 48.07
C ALA A 86 19.84 -6.45 47.26
N HIS A 87 19.75 -6.42 45.93
CA HIS A 87 20.77 -7.02 45.09
C HIS A 87 21.18 -6.04 44.00
N PRO A 88 22.04 -5.07 44.34
CA PRO A 88 22.25 -3.96 43.43
C PRO A 88 23.01 -4.34 42.15
N GLU A 89 23.62 -5.53 42.13
CA GLU A 89 24.16 -6.07 40.89
C GLU A 89 23.09 -6.21 39.79
N LEU A 90 21.83 -6.24 40.18
CA LEU A 90 20.71 -6.32 39.24
C LEU A 90 20.18 -4.95 38.81
N GLY A 91 20.60 -3.90 39.50
CA GLY A 91 20.13 -2.55 39.18
C GLY A 91 20.22 -2.16 37.71
N PRO A 92 21.40 -2.32 37.09
CA PRO A 92 21.55 -1.86 35.71
C PRO A 92 20.61 -2.56 34.71
N LEU A 93 20.42 -3.85 34.92
CA LEU A 93 19.59 -4.65 34.07
C LEU A 93 18.13 -4.21 34.24
N TRP A 94 17.70 -4.04 35.49
CA TRP A 94 16.35 -3.54 35.76
C TRP A 94 16.13 -2.16 35.17
N GLN A 95 17.13 -1.29 35.27
CA GLN A 95 17.03 0.05 34.71
C GLN A 95 16.94 0.04 33.20
N ALA A 96 17.69 -0.84 32.54
CA ALA A 96 17.63 -0.96 31.08
C ALA A 96 16.29 -1.54 30.61
N LEU A 97 15.82 -2.59 31.28
CA LEU A 97 14.48 -3.10 30.97
C LEU A 97 13.40 -1.99 31.07
N GLN A 98 13.43 -1.25 32.17
CA GLN A 98 12.47 -0.17 32.36
C GLN A 98 12.58 0.86 31.23
N ALA A 99 13.79 1.24 30.90
CA ALA A 99 13.99 2.29 29.91
C ALA A 99 13.53 1.77 28.53
N ASN A 100 13.92 0.55 28.20
CA ASN A 100 13.53 -0.07 26.93
C ASN A 100 12.01 -0.27 26.82
N ALA A 101 11.37 -0.65 27.91
CA ALA A 101 9.92 -0.80 27.93
C ALA A 101 9.26 0.56 27.71
N ALA A 102 9.79 1.63 28.29
CA ALA A 102 9.11 2.93 28.15
C ALA A 102 9.21 3.38 26.69
N GLN A 103 10.38 3.20 26.09
CA GLN A 103 10.58 3.51 24.67
C GLN A 103 9.64 2.67 23.81
N ALA A 104 9.58 1.37 24.08
CA ALA A 104 8.63 0.49 23.38
C ALA A 104 7.19 0.99 23.50
N ARG A 105 6.75 1.34 24.69
CA ARG A 105 5.36 1.80 24.85
C ARG A 105 5.08 3.08 24.07
N GLU A 106 6.03 4.02 24.11
CA GLU A 106 5.88 5.27 23.38
C GLU A 106 5.80 5.02 21.86
N HIS A 107 6.70 4.17 21.38
CA HIS A 107 6.84 3.86 19.96
C HIS A 107 5.59 3.13 19.51
N ASN A 108 5.13 2.22 20.35
CA ASN A 108 3.95 1.44 20.05
C ASN A 108 2.70 2.30 19.93
N GLN A 109 2.53 3.25 20.84
CA GLN A 109 1.38 4.14 20.80
C GLN A 109 1.46 5.05 19.57
N ARG A 110 2.66 5.49 19.25
CA ARG A 110 2.88 6.26 18.03
C ARG A 110 2.49 5.49 16.75
N ASN A 111 2.88 4.21 16.64
CA ASN A 111 2.48 3.38 15.49
C ASN A 111 0.97 3.16 15.39
N GLY A 112 0.32 3.04 16.55
CA GLY A 112 -1.13 2.89 16.62
C GLY A 112 -1.86 4.08 16.05
N THR A 113 -1.34 5.28 16.29
CA THR A 113 -1.85 6.50 15.63
C THR A 113 -1.46 6.49 14.15
N LEU A 114 -0.21 6.13 13.88
CA LEU A 114 0.32 6.18 12.52
C LEU A 114 -0.44 5.23 11.55
N ILE A 115 -0.89 4.08 12.03
CA ILE A 115 -1.83 3.25 11.27
C ILE A 115 -3.03 4.05 10.76
N ALA A 116 -3.62 4.87 11.62
CA ALA A 116 -4.78 5.68 11.23
C ALA A 116 -4.39 6.69 10.15
N VAL A 117 -3.23 7.33 10.35
CA VAL A 117 -2.68 8.28 9.37
C VAL A 117 -2.53 7.63 7.99
N ASN A 118 -1.97 6.43 7.99
CA ASN A 118 -1.69 5.64 6.79
C ASN A 118 -2.99 5.31 6.09
N LEU A 119 -3.95 4.80 6.85
CA LEU A 119 -5.26 4.49 6.30
C LEU A 119 -5.92 5.75 5.71
N ARG A 120 -5.76 6.89 6.36
CA ARG A 120 -6.38 8.11 5.87
C ARG A 120 -5.67 8.68 4.64
N HIS A 121 -4.34 8.53 4.59
CA HIS A 121 -3.59 8.92 3.39
C HIS A 121 -4.09 8.11 2.19
N THR A 122 -4.15 6.79 2.36
CA THR A 122 -4.67 5.89 1.35
C THR A 122 -6.12 6.22 0.93
N GLN A 123 -7.01 6.36 1.91
CA GLN A 123 -8.38 6.72 1.65
C GLN A 123 -8.54 8.00 0.81
N GLU A 124 -7.82 9.05 1.17
CA GLU A 124 -7.90 10.31 0.43
C GLU A 124 -7.29 10.25 -0.98
N SER A 125 -6.17 9.56 -1.14
CA SER A 125 -5.54 9.40 -2.47
C SER A 125 -6.48 8.64 -3.39
N LEU A 126 -7.04 7.53 -2.89
CA LEU A 126 -7.97 6.74 -3.66
C LEU A 126 -9.29 7.48 -3.92
N ASP A 127 -9.80 8.20 -2.93
N ASP A 127 -9.77 8.22 -2.91
CA ASP A 127 -11.05 8.91 -3.12
CA ASP A 127 -11.01 8.98 -3.04
C ASP A 127 -10.92 10.07 -4.12
C ASP A 127 -10.90 10.04 -4.13
N ALA A 128 -9.73 10.64 -4.27
CA ALA A 128 -9.48 11.68 -5.26
C ALA A 128 -9.53 11.14 -6.69
N LEU A 129 -9.26 9.84 -6.88
CA LEU A 129 -9.37 9.22 -8.21
C LEU A 129 -10.84 8.99 -8.65
N ARG A 130 -11.80 9.18 -7.73
CA ARG A 130 -13.21 8.75 -7.91
C ARG A 130 -14.03 9.36 -9.04
N GLN A 131 -13.59 10.49 -9.60
CA GLN A 131 -14.37 11.16 -10.66
C GLN A 131 -13.63 12.37 -11.20
N ASN B 2 11.41 -16.70 52.86
CA ASN B 2 12.30 -17.16 51.75
C ASN B 2 13.27 -16.07 51.28
N ALA B 3 14.41 -16.51 50.75
CA ALA B 3 15.46 -15.62 50.23
C ALA B 3 15.32 -15.43 48.69
N ASN B 5 16.28 -15.53 45.03
CA ASN B 5 17.19 -16.16 44.08
C ASN B 5 17.68 -15.10 43.08
N SER B 6 18.81 -14.46 43.41
CA SER B 6 19.36 -13.36 42.61
C SER B 6 19.73 -13.81 41.20
N ALA B 7 20.26 -15.02 41.09
CA ALA B 7 20.58 -15.59 39.80
C ALA B 7 19.31 -15.77 38.96
N ALA B 8 18.24 -16.24 39.58
CA ALA B 8 17.04 -16.51 38.82
C ALA B 8 16.47 -15.19 38.31
N LEU B 9 16.58 -14.15 39.12
CA LEU B 9 16.00 -12.87 38.76
C LEU B 9 16.81 -12.22 37.63
N LYS B 10 18.14 -12.30 37.72
CA LYS B 10 18.99 -11.79 36.65
C LYS B 10 18.60 -12.44 35.33
N SER B 11 18.48 -13.76 35.35
CA SER B 11 18.15 -14.52 34.17
C SER B 11 16.83 -14.05 33.55
N CYS B 12 15.83 -13.84 34.40
CA CYS B 12 14.53 -13.42 33.97
C CYS B 12 14.63 -12.02 33.38
N LEU B 13 15.27 -11.11 34.10
CA LEU B 13 15.40 -9.73 33.62
C LEU B 13 16.20 -9.69 32.28
N GLU B 14 17.24 -10.53 32.11
CA GLU B 14 17.97 -10.56 30.83
C GLU B 14 17.07 -10.98 29.67
N ARG B 15 16.32 -12.06 29.87
CA ARG B 15 15.45 -12.53 28.83
C ARG B 15 14.36 -11.53 28.54
N GLU B 16 13.84 -10.84 29.56
CA GLU B 16 12.79 -9.85 29.33
C GLU B 16 13.32 -8.73 28.49
N ASN B 17 14.50 -8.23 28.87
CA ASN B 17 15.10 -7.10 28.18
C ASN B 17 15.47 -7.45 26.75
N ALA B 18 15.90 -8.69 26.51
CA ALA B 18 16.15 -9.11 25.13
C ALA B 18 14.85 -9.17 24.30
N LEU B 19 13.73 -9.57 24.91
CA LEU B 19 12.46 -9.56 24.23
C LEU B 19 11.97 -8.14 23.96
N VAL B 20 12.15 -7.25 24.92
CA VAL B 20 11.75 -5.87 24.69
C VAL B 20 12.53 -5.30 23.51
N VAL B 21 13.82 -5.58 23.47
CA VAL B 21 14.67 -5.16 22.35
C VAL B 21 14.20 -5.76 21.04
N GLU B 22 13.83 -7.03 21.02
CA GLU B 22 13.31 -7.59 19.77
C GLU B 22 12.00 -6.87 19.43
N PHE B 23 11.26 -6.51 20.47
CA PHE B 23 10.01 -5.80 20.27
C PHE B 23 10.22 -4.39 19.68
N LEU B 24 11.29 -3.71 20.10
CA LEU B 24 11.66 -2.43 19.50
C LEU B 24 12.04 -2.63 18.02
N HIS B 25 12.73 -3.72 17.70
CA HIS B 25 13.03 -3.99 16.30
C HIS B 25 11.75 -4.24 15.47
N ALA B 26 10.80 -4.99 16.02
CA ALA B 26 9.50 -5.22 15.35
C ALA B 26 8.73 -3.92 15.19
N LEU B 27 8.82 -3.06 16.19
CA LEU B 27 8.19 -1.74 16.07
C LEU B 27 8.81 -0.93 14.94
N GLU B 28 10.13 -0.96 14.80
CA GLU B 28 10.80 -0.24 13.69
C GLU B 28 10.31 -0.77 12.34
N ALA B 29 10.20 -2.09 12.23
CA ALA B 29 9.67 -2.72 11.03
C ALA B 29 8.22 -2.27 10.78
N GLU B 30 7.42 -2.18 11.83
CA GLU B 30 6.04 -1.70 11.68
C GLU B 30 6.00 -0.27 11.13
N THR B 31 6.82 0.61 11.69
CA THR B 31 6.88 2.03 11.25
C THR B 31 7.30 2.07 9.76
N GLU B 32 8.33 1.29 9.42
CA GLU B 32 8.82 1.23 8.06
C GLU B 32 7.73 0.81 7.09
N ALA B 33 6.96 -0.20 7.46
CA ALA B 33 5.84 -0.64 6.63
C ALA B 33 4.76 0.45 6.49
N LEU B 34 4.47 1.14 7.59
CA LEU B 34 3.42 2.18 7.58
C LEU B 34 3.85 3.41 6.77
N ASP B 36 5.82 3.15 4.05
CA ASP B 36 6.11 2.68 2.69
C ASP B 36 4.98 3.13 1.78
N ARG B 37 5.25 4.19 1.00
CA ARG B 37 4.31 4.71 0.01
C ARG B 37 4.69 4.36 -1.44
N ARG B 38 5.52 3.33 -1.64
CA ARG B 38 5.94 2.97 -2.99
C ARG B 38 4.75 2.68 -3.89
N ALA B 39 3.79 1.91 -3.40
CA ALA B 39 2.59 1.63 -4.18
C ALA B 39 1.79 2.93 -4.45
N HIS B 40 1.74 3.82 -3.46
CA HIS B 40 1.01 5.08 -3.64
C HIS B 40 1.63 5.88 -4.79
N GLU B 41 2.96 6.03 -4.76
CA GLU B 41 3.69 6.80 -5.77
C GLU B 41 3.57 6.22 -7.16
N SER B 42 3.64 4.90 -7.26
CA SER B 42 3.45 4.18 -8.52
C SER B 42 2.06 4.39 -9.11
N LEU B 43 1.06 4.31 -8.24
CA LEU B 43 -0.30 4.63 -8.62
C LEU B 43 -0.40 6.05 -9.19
N GLN B 44 0.11 7.02 -8.45
CA GLN B 44 0.02 8.41 -8.92
C GLN B 44 0.64 8.58 -10.29
N ALA B 45 1.80 7.97 -10.52
CA ALA B 45 2.50 8.12 -11.79
C ALA B 45 1.71 7.47 -12.92
N ALA B 46 1.16 6.28 -12.69
CA ALA B 46 0.30 5.62 -13.66
C ALA B 46 -0.88 6.50 -14.02
N VAL B 47 -1.50 7.09 -13.02
CA VAL B 47 -2.71 7.89 -13.25
C VAL B 47 -2.41 9.18 -14.05
N GLN B 48 -1.29 9.82 -13.74
CA GLN B 48 -0.88 11.00 -14.48
C GLN B 48 -0.52 10.67 -15.93
N ARG B 49 0.10 9.51 -16.15
N ARG B 49 0.11 9.52 -16.17
CA ARG B 49 0.44 9.01 -17.48
CA ARG B 49 0.43 9.11 -17.54
C ARG B 49 -0.82 8.77 -18.32
C ARG B 49 -0.84 8.78 -18.34
N LYS B 50 -1.83 8.12 -17.71
CA LYS B 50 -3.11 7.85 -18.37
C LYS B 50 -3.81 9.13 -18.81
N GLU B 51 -3.80 10.09 -17.91
CA GLU B 51 -4.41 11.38 -18.19
C GLU B 51 -3.83 12.09 -19.43
N THR B 52 -2.51 12.17 -19.54
CA THR B 52 -1.85 12.83 -20.67
C THR B 52 -2.12 12.07 -21.95
N LEU B 53 -2.02 10.74 -21.89
CA LEU B 53 -2.32 9.87 -23.02
C LEU B 53 -3.77 9.99 -23.45
N ALA B 54 -4.71 9.93 -22.50
CA ALA B 54 -6.15 10.06 -22.78
C ALA B 54 -6.43 11.38 -23.49
N ASP B 55 -5.85 12.46 -22.97
CA ASP B 55 -5.92 13.81 -23.56
C ASP B 55 -5.36 13.90 -24.96
N ASP B 56 -4.18 13.34 -25.18
CA ASP B 56 -3.60 13.30 -26.53
C ASP B 56 -4.45 12.45 -27.45
N LEU B 57 -4.98 11.35 -26.93
CA LEU B 57 -5.77 10.47 -27.78
C LEU B 57 -7.02 11.20 -28.24
N ALA B 58 -7.74 11.79 -27.29
CA ALA B 58 -9.00 12.48 -27.60
C ALA B 58 -8.75 13.58 -28.60
N GLN B 59 -7.63 14.26 -28.47
CA GLN B 59 -7.35 15.35 -29.39
C GLN B 59 -6.97 14.84 -30.75
N LEU B 60 -6.30 13.69 -30.79
CA LEU B 60 -5.87 13.12 -32.05
C LEU B 60 -7.10 12.68 -32.82
N GLY B 61 -8.22 12.53 -32.13
CA GLY B 61 -9.50 12.23 -32.83
C GLY B 61 -9.92 13.35 -33.77
N ALA B 62 -9.54 14.57 -33.44
CA ALA B 62 -9.81 15.70 -34.32
C ALA B 62 -9.09 15.58 -35.67
N GLU B 63 -7.90 14.99 -35.69
CA GLU B 63 -7.19 14.81 -36.96
C GLU B 63 -7.91 13.78 -37.83
N ARG B 64 -8.27 12.65 -37.25
CA ARG B 64 -9.10 11.68 -37.94
C ARG B 64 -10.39 12.34 -38.49
N ASP B 65 -11.10 13.11 -37.66
CA ASP B 65 -12.37 13.70 -38.13
C ASP B 65 -12.13 14.75 -39.20
N ALA B 66 -11.05 15.51 -39.06
CA ALA B 66 -10.62 16.47 -40.08
C ALA B 66 -10.33 15.76 -41.42
N LEU B 67 -9.74 14.56 -41.36
CA LEU B 67 -9.48 13.84 -42.62
C LEU B 67 -10.77 13.28 -43.20
N LEU B 68 -11.61 12.68 -42.35
CA LEU B 68 -12.88 12.12 -42.81
C LEU B 68 -13.79 13.20 -43.38
N SER B 69 -13.79 14.36 -42.73
CA SER B 69 -14.65 15.47 -43.17
C SER B 69 -14.23 16.01 -44.53
N GLY B 70 -12.92 16.08 -44.76
CA GLY B 70 -12.36 16.57 -46.01
C GLY B 70 -12.65 15.66 -47.18
N ALA B 71 -12.62 14.34 -46.94
CA ALA B 71 -12.97 13.36 -47.96
C ALA B 71 -14.50 13.17 -48.10
N GLY B 72 -15.28 13.97 -47.38
CA GLY B 72 -16.74 13.90 -47.45
C GLY B 72 -17.36 12.66 -46.80
N LEU B 73 -16.72 12.12 -45.77
CA LEU B 73 -17.25 10.96 -45.03
C LEU B 73 -17.79 11.36 -43.65
N ALA B 74 -18.65 10.52 -43.06
CA ALA B 74 -19.12 10.76 -41.70
C ALA B 74 -17.94 10.70 -40.73
N SER B 75 -18.11 11.34 -39.59
CA SER B 75 -17.07 11.36 -38.58
C SER B 75 -17.09 10.07 -37.75
N GLY B 76 -16.14 9.95 -36.83
CA GLY B 76 -16.14 8.84 -35.91
C GLY B 76 -16.07 7.47 -36.59
N PRO B 77 -16.46 6.41 -35.87
CA PRO B 77 -16.34 5.02 -36.33
C PRO B 77 -16.97 4.75 -37.69
N ALA B 78 -18.11 5.38 -37.99
CA ALA B 78 -18.82 5.17 -39.25
C ALA B 78 -18.00 5.57 -40.47
N GLY B 79 -17.53 6.81 -40.49
CA GLY B 79 -16.68 7.27 -41.56
C GLY B 79 -15.39 6.48 -41.73
N THR B 80 -14.83 6.04 -40.61
CA THR B 80 -13.58 5.29 -40.61
C THR B 80 -13.81 3.86 -41.14
N ASP B 81 -14.98 3.26 -40.85
CA ASP B 81 -15.39 1.98 -41.46
C ASP B 81 -15.45 2.10 -42.98
N ALA B 82 -16.09 3.18 -43.45
CA ALA B 82 -16.18 3.45 -44.88
C ALA B 82 -14.80 3.64 -45.48
N ALA B 83 -13.94 4.40 -44.82
CA ALA B 83 -12.58 4.60 -45.30
C ALA B 83 -11.76 3.29 -45.35
N ALA B 84 -11.90 2.42 -44.36
CA ALA B 84 -11.15 1.14 -44.33
C ALA B 84 -11.66 0.19 -45.43
N ALA B 85 -12.96 0.24 -45.71
CA ALA B 85 -13.56 -0.50 -46.81
C ALA B 85 -13.02 -0.05 -48.16
N ALA B 86 -12.93 1.26 -48.36
CA ALA B 86 -12.47 1.84 -49.62
C ALA B 86 -10.94 1.79 -49.79
N HIS B 87 -10.20 1.75 -48.68
CA HIS B 87 -8.72 1.66 -48.68
C HIS B 87 -8.29 0.50 -47.78
N PRO B 88 -8.41 -0.75 -48.27
CA PRO B 88 -8.27 -1.97 -47.45
C PRO B 88 -6.99 -2.11 -46.69
N GLU B 89 -5.95 -1.40 -47.12
CA GLU B 89 -4.68 -1.43 -46.41
C GLU B 89 -4.79 -0.80 -45.02
N LEU B 90 -5.89 -0.11 -44.73
CA LEU B 90 -6.12 0.40 -43.39
C LEU B 90 -6.90 -0.56 -42.49
N GLY B 91 -7.28 -1.73 -43.00
CA GLY B 91 -8.20 -2.63 -42.30
C GLY B 91 -7.64 -3.16 -40.99
N PRO B 92 -6.46 -3.83 -41.04
CA PRO B 92 -5.81 -4.39 -39.85
C PRO B 92 -5.51 -3.33 -38.79
N LEU B 93 -5.07 -2.15 -39.25
CA LEU B 93 -4.76 -1.08 -38.33
C LEU B 93 -6.01 -0.62 -37.58
N TRP B 94 -7.11 -0.46 -38.31
CA TRP B 94 -8.35 0.03 -37.77
C TRP B 94 -8.95 -1.00 -36.89
N GLN B 95 -8.91 -2.26 -37.31
CA GLN B 95 -9.40 -3.33 -36.44
C GLN B 95 -8.60 -3.36 -35.12
N ALA B 96 -7.28 -3.34 -35.22
CA ALA B 96 -6.41 -3.32 -34.03
C ALA B 96 -6.70 -2.15 -33.12
N LEU B 97 -6.88 -0.96 -33.67
CA LEU B 97 -7.12 0.24 -32.87
C LEU B 97 -8.43 0.10 -32.07
N GLN B 98 -9.48 -0.36 -32.73
CA GLN B 98 -10.76 -0.58 -32.04
C GLN B 98 -10.67 -1.65 -30.97
N ALA B 99 -9.99 -2.74 -31.28
CA ALA B 99 -9.81 -3.81 -30.33
C ALA B 99 -8.95 -3.37 -29.13
N ASN B 100 -7.83 -2.71 -29.43
CA ASN B 100 -6.97 -2.15 -28.37
C ASN B 100 -7.75 -1.17 -27.50
N ALA B 101 -8.56 -0.33 -28.13
CA ALA B 101 -9.32 0.68 -27.39
C ALA B 101 -10.40 0.06 -26.49
N ALA B 102 -11.11 -0.94 -27.00
CA ALA B 102 -12.10 -1.67 -26.22
C ALA B 102 -11.41 -2.33 -25.05
N GLN B 103 -10.22 -2.89 -25.29
CA GLN B 103 -9.47 -3.56 -24.24
C GLN B 103 -9.14 -2.54 -23.15
N ALA B 104 -8.73 -1.34 -23.56
CA ALA B 104 -8.34 -0.29 -22.64
C ALA B 104 -9.53 0.15 -21.80
N ARG B 105 -10.70 0.24 -22.42
N ARG B 105 -10.70 0.25 -22.42
CA ARG B 105 -11.90 0.67 -21.71
CA ARG B 105 -11.88 0.71 -21.69
C ARG B 105 -12.27 -0.34 -20.64
C ARG B 105 -12.31 -0.33 -20.64
N GLU B 106 -12.22 -1.62 -20.98
CA GLU B 106 -12.52 -2.66 -20.00
C GLU B 106 -11.53 -2.64 -18.83
N HIS B 107 -10.25 -2.49 -19.15
CA HIS B 107 -9.17 -2.51 -18.17
C HIS B 107 -9.30 -1.29 -17.27
N ASN B 108 -9.58 -0.15 -17.87
CA ASN B 108 -9.83 1.05 -17.09
C ASN B 108 -11.00 0.87 -16.10
N GLN B 109 -12.07 0.22 -16.56
CA GLN B 109 -13.20 -0.10 -15.71
C GLN B 109 -12.76 -1.04 -14.60
N ARG B 110 -12.02 -2.12 -14.93
N ARG B 110 -12.02 -2.11 -14.96
CA ARG B 110 -11.54 -3.02 -13.90
CA ARG B 110 -11.47 -3.05 -13.98
C ARG B 110 -10.75 -2.28 -12.84
C ARG B 110 -10.72 -2.32 -12.87
N ASN B 111 -9.89 -1.35 -13.26
CA ASN B 111 -9.08 -0.61 -12.29
C ASN B 111 -9.93 0.32 -11.45
N GLY B 112 -10.96 0.92 -12.04
CA GLY B 112 -11.92 1.65 -11.24
C GLY B 112 -12.55 0.78 -10.17
N THR B 113 -12.83 -0.48 -10.47
CA THR B 113 -13.42 -1.36 -9.49
C THR B 113 -12.40 -1.67 -8.38
N LEU B 114 -11.13 -1.89 -8.74
CA LEU B 114 -10.09 -2.21 -7.75
C LEU B 114 -9.88 -1.05 -6.81
N ILE B 115 -9.94 0.16 -7.35
CA ILE B 115 -9.89 1.35 -6.51
C ILE B 115 -11.01 1.31 -5.47
N ALA B 116 -12.20 0.84 -5.89
CA ALA B 116 -13.35 0.74 -4.98
C ALA B 116 -13.12 -0.34 -3.93
N VAL B 117 -12.54 -1.46 -4.34
CA VAL B 117 -12.16 -2.52 -3.43
C VAL B 117 -11.15 -2.05 -2.40
N ASN B 118 -10.11 -1.36 -2.84
CA ASN B 118 -9.09 -0.90 -1.89
C ASN B 118 -9.64 0.16 -0.93
N LEU B 119 -10.51 1.02 -1.44
CA LEU B 119 -11.21 2.03 -0.63
C LEU B 119 -12.15 1.42 0.41
N ARG B 120 -12.85 0.35 0.03
N ARG B 120 -12.86 0.35 0.04
CA ARG B 120 -13.69 -0.43 0.94
CA ARG B 120 -13.68 -0.40 0.99
C ARG B 120 -12.85 -1.02 2.07
C ARG B 120 -12.83 -1.00 2.09
N HIS B 121 -11.79 -1.74 1.71
CA HIS B 121 -10.85 -2.30 2.69
C HIS B 121 -10.25 -1.23 3.63
N THR B 122 -9.88 -0.07 3.07
CA THR B 122 -9.35 1.05 3.89
C THR B 122 -10.37 1.54 4.91
N GLN B 123 -11.61 1.81 4.48
CA GLN B 123 -12.69 2.19 5.42
C GLN B 123 -12.99 1.14 6.48
N GLU B 124 -13.08 -0.11 6.07
CA GLU B 124 -13.26 -1.21 7.02
C GLU B 124 -12.11 -1.19 8.03
N SER B 125 -10.87 -1.05 7.55
CA SER B 125 -9.72 -1.03 8.44
C SER B 125 -9.81 0.14 9.45
N LEU B 126 -10.24 1.31 8.96
CA LEU B 126 -10.50 2.47 9.82
C LEU B 126 -11.62 2.23 10.83
N ASP B 127 -12.71 1.63 10.37
CA ASP B 127 -13.82 1.21 11.25
C ASP B 127 -13.31 0.27 12.36
N ALA B 128 -12.33 -0.58 12.05
CA ALA B 128 -11.78 -1.50 13.04
C ALA B 128 -11.02 -0.78 14.18
N LEU B 129 -10.21 0.22 13.83
CA LEU B 129 -9.49 1.04 14.83
C LEU B 129 -10.42 1.87 15.72
N ARG B 130 -11.45 2.43 15.08
CA ARG B 130 -12.47 3.21 15.76
C ARG B 130 -13.15 2.34 16.83
N GLN B 131 -13.19 1.02 16.61
CA GLN B 131 -13.70 0.07 17.62
C GLN B 131 -12.69 -0.19 18.75
N ALA B 132 -11.55 -0.78 18.39
CA ALA B 132 -10.50 -1.15 19.36
C ALA B 132 -9.97 0.05 20.14
#